data_5XNJ
#
_entry.id   5XNJ
#
_cell.length_a   129.247
_cell.length_b   129.247
_cell.length_c   44.292
_cell.angle_alpha   90.000
_cell.angle_beta   90.000
_cell.angle_gamma   120.000
#
_symmetry.space_group_name_H-M   'P 32 2 1'
#
loop_
_entity.id
_entity.type
_entity.pdbx_description
1 polymer McyF
2 non-polymer 'GLUTAMIC ACID'
3 water water
#
_entity_poly.entity_id   1
_entity_poly.type   'polypeptide(L)'
_entity_poly.pdbx_seq_one_letter_code
;MGHHHHHHMMKTKLPILGVLGGMGPVVTAEFLKSIYEYNPFIDKEQESPNVIVFSFPSAPDRTGSIDSGKEREFIDFIQV
NLEHLNKLADCIVIGSCTAHYALPQIPENLKDKLISLIKIADQELQEYNEPTLLLASTGTYQKKLFQEGCTTADLIISLS
ESDQKLIHEMIYKVLKRGHDPLSILRDIEALLEKYNTRSYISGSTEFHLLTKSLKLKGIDSIKAIDPLSTIAQNFSQLII
KQAQVDLVTDCHQPSNPKSP
;
_entity_poly.pdbx_strand_id   A
#
# COMPACT_ATOMS: atom_id res chain seq x y z
N LEU A 14 -3.88 7.40 -24.80
CA LEU A 14 -3.81 6.22 -23.87
C LEU A 14 -3.64 6.62 -22.40
N PRO A 15 -4.20 5.81 -21.47
CA PRO A 15 -4.22 6.21 -20.07
C PRO A 15 -2.92 5.85 -19.32
N ILE A 16 -2.43 6.81 -18.53
CA ILE A 16 -1.14 6.72 -17.83
C ILE A 16 -1.34 6.72 -16.29
N LEU A 17 -0.83 5.69 -15.63
CA LEU A 17 -0.75 5.67 -14.15
C LEU A 17 0.53 6.36 -13.68
N GLY A 18 0.40 7.32 -12.76
CA GLY A 18 1.55 7.93 -12.10
C GLY A 18 1.72 7.36 -10.70
N VAL A 19 2.84 6.70 -10.42
CA VAL A 19 3.16 6.23 -9.05
C VAL A 19 4.13 7.14 -8.32
N LEU A 20 3.70 7.73 -7.21
CA LEU A 20 4.62 8.41 -6.29
C LEU A 20 5.12 7.36 -5.30
N GLY A 21 6.30 6.81 -5.59
CA GLY A 21 6.85 5.70 -4.82
C GLY A 21 8.19 6.01 -4.21
N GLY A 22 9.00 4.97 -4.03
CA GLY A 22 10.24 5.07 -3.29
C GLY A 22 10.02 4.99 -1.79
N MET A 23 8.77 4.80 -1.36
CA MET A 23 8.43 4.80 0.06
C MET A 23 8.19 3.34 0.38
N GLY A 24 9.29 2.73 -0.02
CA GLY A 24 9.56 1.34 -0.04
C GLY A 24 10.06 1.25 -1.47
N PRO A 25 11.32 1.56 -1.73
CA PRO A 25 11.86 1.33 -3.08
C PRO A 25 11.70 -0.12 -3.54
N VAL A 26 11.95 -1.07 -2.63
CA VAL A 26 11.86 -2.49 -2.96
C VAL A 26 10.46 -2.85 -3.43
N VAL A 27 9.46 -2.40 -2.67
CA VAL A 27 8.05 -2.65 -3.00
C VAL A 27 7.56 -1.82 -4.18
N THR A 28 8.05 -0.59 -4.34
CA THR A 28 7.77 0.19 -5.55
C THR A 28 8.19 -0.56 -6.83
N ALA A 29 9.39 -1.13 -6.80
CA ALA A 29 9.89 -1.88 -7.94
C ALA A 29 9.00 -3.10 -8.19
N GLU A 30 8.65 -3.81 -7.12
CA GLU A 30 7.83 -5.00 -7.20
C GLU A 30 6.39 -4.71 -7.70
N PHE A 31 5.85 -3.55 -7.35
CA PHE A 31 4.54 -3.11 -7.81
C PHE A 31 4.52 -2.94 -9.34
N LEU A 32 5.54 -2.29 -9.88
CA LEU A 32 5.68 -2.14 -11.34
C LEU A 32 5.79 -3.50 -12.04
N LYS A 33 6.43 -4.47 -11.38
CA LYS A 33 6.49 -5.83 -11.89
C LYS A 33 5.09 -6.45 -11.93
N SER A 34 4.38 -6.31 -10.81
CA SER A 34 2.98 -6.79 -10.66
C SER A 34 2.04 -6.28 -11.75
N ILE A 35 2.22 -5.03 -12.16
CA ILE A 35 1.37 -4.43 -13.18
C ILE A 35 1.44 -5.24 -14.46
N TYR A 36 2.65 -5.49 -14.94
CA TYR A 36 2.82 -6.26 -16.19
C TYR A 36 2.64 -7.75 -16.00
N GLU A 37 2.83 -8.26 -14.78
CA GLU A 37 2.51 -9.67 -14.50
C GLU A 37 1.02 -9.96 -14.64
N TYR A 38 0.18 -9.07 -14.08
CA TYR A 38 -1.27 -9.23 -14.13
C TYR A 38 -1.92 -8.56 -15.35
N ASN A 39 -1.12 -8.02 -16.27
CA ASN A 39 -1.62 -7.50 -17.54
C ASN A 39 -0.81 -8.00 -18.73
N PRO A 40 -0.65 -9.32 -18.85
CA PRO A 40 0.14 -9.82 -19.96
C PRO A 40 -0.56 -9.48 -21.28
N PHE A 41 0.21 -8.99 -22.24
CA PHE A 41 -0.34 -8.67 -23.57
C PHE A 41 -0.73 -9.94 -24.34
N ILE A 42 -1.66 -9.77 -25.27
CA ILE A 42 -2.14 -10.88 -26.08
C ILE A 42 -1.23 -11.10 -27.29
N ASP A 43 -1.05 -10.06 -28.11
CA ASP A 43 -0.24 -10.15 -29.34
C ASP A 43 1.03 -9.31 -29.23
N LYS A 44 0.86 -8.02 -28.93
CA LYS A 44 1.94 -7.03 -28.91
C LYS A 44 2.05 -6.31 -27.56
N GLU A 45 3.29 -5.96 -27.18
CA GLU A 45 3.59 -5.12 -26.02
C GLU A 45 2.88 -3.77 -26.00
N GLN A 46 2.57 -3.22 -27.16
CA GLN A 46 1.95 -1.89 -27.25
C GLN A 46 0.55 -1.87 -26.54
N GLU A 47 -0.05 -3.06 -26.39
CA GLU A 47 -1.21 -3.28 -25.53
C GLU A 47 -1.01 -2.92 -24.03
N SER A 48 0.22 -3.06 -23.53
CA SER A 48 0.50 -3.08 -22.09
C SER A 48 0.43 -1.70 -21.42
N PRO A 49 0.19 -1.68 -20.09
CA PRO A 49 0.00 -0.46 -19.30
C PRO A 49 1.11 0.57 -19.38
N ASN A 50 0.70 1.83 -19.51
CA ASN A 50 1.64 2.95 -19.46
C ASN A 50 1.70 3.49 -18.04
N VAL A 51 2.91 3.57 -17.51
CA VAL A 51 3.15 3.92 -16.12
C VAL A 51 4.34 4.86 -15.99
N ILE A 52 4.21 5.86 -15.12
CA ILE A 52 5.32 6.70 -14.72
C ILE A 52 5.58 6.43 -13.25
N VAL A 53 6.81 6.09 -12.88
CA VAL A 53 7.17 5.89 -11.47
C VAL A 53 8.22 6.91 -11.03
N PHE A 54 7.89 7.66 -9.98
CA PHE A 54 8.84 8.47 -9.25
C PHE A 54 9.23 7.64 -8.03
N SER A 55 10.36 6.94 -8.12
CA SER A 55 10.87 6.14 -7.01
C SER A 55 11.96 6.92 -6.28
N PHE A 56 11.51 7.77 -5.36
CA PHE A 56 12.33 8.65 -4.57
C PHE A 56 12.44 8.20 -3.10
N PRO A 57 13.41 7.32 -2.77
CA PRO A 57 13.57 6.91 -1.37
C PRO A 57 14.06 8.00 -0.42
N SER A 58 14.62 9.07 -0.98
CA SER A 58 15.00 10.24 -0.22
C SER A 58 13.81 11.01 0.39
N ALA A 59 12.58 10.57 0.11
CA ALA A 59 11.39 10.95 0.88
C ALA A 59 11.67 10.76 2.37
N PRO A 60 11.40 11.79 3.20
CA PRO A 60 11.66 11.60 4.64
C PRO A 60 10.81 10.47 5.20
N ASP A 61 11.37 9.66 6.11
CA ASP A 61 10.63 8.54 6.73
C ASP A 61 9.25 9.02 7.20
N ARG A 62 8.24 8.20 6.92
CA ARG A 62 6.84 8.61 7.11
C ARG A 62 6.51 8.63 8.59
N THR A 63 6.72 7.49 9.25
CA THR A 63 6.55 7.33 10.69
C THR A 63 7.47 8.28 11.47
N GLY A 64 8.74 8.36 11.04
CA GLY A 64 9.74 9.24 11.62
C GLY A 64 9.34 10.71 11.60
N SER A 65 8.79 11.19 10.48
CA SER A 65 8.36 12.60 10.37
C SER A 65 7.22 12.97 11.34
N ILE A 66 6.43 11.96 11.75
CA ILE A 66 5.41 12.13 12.79
C ILE A 66 6.09 12.09 14.16
N ASP A 67 6.92 11.07 14.39
CA ASP A 67 7.65 10.85 15.67
C ASP A 67 8.61 11.98 16.08
N SER A 68 9.21 12.66 15.12
CA SER A 68 9.86 13.97 15.35
C SER A 68 8.74 15.03 15.25
N GLY A 69 9.01 16.21 14.70
CA GLY A 69 7.94 17.19 14.50
C GLY A 69 7.74 17.61 13.07
N LYS A 70 8.56 17.08 12.15
CA LYS A 70 8.74 17.63 10.80
C LYS A 70 7.77 17.04 9.77
N GLU A 71 6.49 17.18 10.07
CA GLU A 71 5.43 16.75 9.18
C GLU A 71 5.37 17.67 7.96
N ARG A 72 5.62 18.96 8.17
CA ARG A 72 5.63 19.96 7.10
C ARG A 72 6.64 19.64 5.99
N GLU A 73 7.85 19.27 6.39
CA GLU A 73 8.87 18.82 5.45
C GLU A 73 8.32 17.68 4.56
N PHE A 74 7.67 16.69 5.18
CA PHE A 74 7.07 15.57 4.45
C PHE A 74 5.87 15.93 3.58
N ILE A 75 5.01 16.81 4.08
CA ILE A 75 3.83 17.22 3.32
C ILE A 75 4.24 18.01 2.08
N ASP A 76 5.31 18.80 2.20
CA ASP A 76 5.89 19.52 1.05
C ASP A 76 6.42 18.55 0.00
N PHE A 77 7.08 17.48 0.42
CA PHE A 77 7.59 16.47 -0.51
C PHE A 77 6.47 15.90 -1.39
N ILE A 78 5.43 15.41 -0.73
CA ILE A 78 4.25 14.84 -1.39
C ILE A 78 3.59 15.88 -2.31
N GLN A 79 3.41 17.10 -1.81
CA GLN A 79 2.75 18.16 -2.59
C GLN A 79 3.47 18.51 -3.91
N VAL A 80 4.78 18.74 -3.84
CA VAL A 80 5.53 19.13 -5.03
C VAL A 80 5.44 18.02 -6.07
N ASN A 81 5.65 16.77 -5.63
CA ASN A 81 5.63 15.63 -6.54
C ASN A 81 4.25 15.26 -7.09
N LEU A 82 3.19 15.66 -6.39
CA LEU A 82 1.85 15.54 -6.95
C LEU A 82 1.60 16.56 -8.06
N GLU A 83 2.10 17.78 -7.89
CA GLU A 83 2.04 18.81 -8.94
C GLU A 83 2.67 18.27 -10.22
N HIS A 84 3.88 17.70 -10.09
CA HIS A 84 4.57 17.07 -11.23
C HIS A 84 3.71 16.02 -11.93
N LEU A 85 3.25 15.02 -11.15
CA LEU A 85 2.55 13.87 -11.73
C LEU A 85 1.17 14.24 -12.28
N ASN A 86 0.52 15.24 -11.67
CA ASN A 86 -0.73 15.80 -12.21
C ASN A 86 -0.64 16.23 -13.66
N LYS A 87 0.51 16.78 -14.05
CA LYS A 87 0.76 17.20 -15.43
C LYS A 87 1.02 16.01 -16.36
N LEU A 88 1.56 14.92 -15.81
CA LEU A 88 2.04 13.78 -16.61
C LEU A 88 1.11 12.58 -16.68
N ALA A 89 0.29 12.36 -15.64
CA ALA A 89 -0.56 11.17 -15.56
C ALA A 89 -2.05 11.48 -15.50
N ASP A 90 -2.85 10.47 -15.83
CA ASP A 90 -4.30 10.57 -15.78
C ASP A 90 -4.84 10.12 -14.41
N CYS A 91 -4.26 9.06 -13.83
CA CYS A 91 -4.53 8.64 -12.45
C CYS A 91 -3.23 8.54 -11.67
N ILE A 92 -3.30 8.71 -10.35
CA ILE A 92 -2.10 8.70 -9.50
C ILE A 92 -2.28 7.83 -8.26
N VAL A 93 -1.25 7.05 -7.92
CA VAL A 93 -1.20 6.28 -6.68
C VAL A 93 0.03 6.69 -5.89
N ILE A 94 -0.12 6.78 -4.57
CA ILE A 94 1.00 6.99 -3.66
C ILE A 94 1.35 5.62 -3.06
N GLY A 95 2.61 5.20 -3.19
CA GLY A 95 3.03 3.84 -2.84
C GLY A 95 3.26 3.53 -1.37
N SER A 96 2.54 4.24 -0.51
CA SER A 96 2.70 4.13 0.93
C SER A 96 1.37 4.50 1.58
N CYS A 97 0.84 3.59 2.38
CA CYS A 97 -0.36 3.90 3.16
C CYS A 97 -0.09 5.03 4.15
N THR A 98 0.93 4.91 5.01
CA THR A 98 1.23 5.97 5.99
C THR A 98 1.35 7.37 5.36
N ALA A 99 1.89 7.44 4.15
CA ALA A 99 2.02 8.73 3.47
C ALA A 99 0.69 9.41 3.15
N HIS A 100 -0.41 8.66 3.14
CA HIS A 100 -1.75 9.25 2.94
C HIS A 100 -2.16 10.21 4.07
N TYR A 101 -1.48 10.17 5.23
CA TYR A 101 -1.73 11.15 6.30
C TYR A 101 -1.47 12.60 5.84
N ALA A 102 -0.63 12.78 4.83
CA ALA A 102 -0.35 14.09 4.28
C ALA A 102 -1.53 14.72 3.54
N LEU A 103 -2.47 13.91 3.07
CA LEU A 103 -3.53 14.36 2.15
C LEU A 103 -4.49 15.45 2.63
N PRO A 104 -4.95 15.41 3.90
CA PRO A 104 -5.80 16.52 4.41
C PRO A 104 -5.16 17.90 4.29
N GLN A 105 -3.83 17.97 4.30
CA GLN A 105 -3.08 19.23 4.11
C GLN A 105 -2.77 19.58 2.63
N ILE A 106 -3.09 18.71 1.68
CA ILE A 106 -2.86 18.96 0.25
C ILE A 106 -4.15 19.51 -0.39
N PRO A 107 -4.05 20.55 -1.23
CA PRO A 107 -5.22 21.09 -1.97
C PRO A 107 -6.02 20.07 -2.77
N GLU A 108 -7.35 20.22 -2.76
CA GLU A 108 -8.30 19.28 -3.42
C GLU A 108 -8.07 19.09 -4.93
N ASN A 109 -7.58 20.14 -5.59
CA ASN A 109 -7.27 20.10 -7.04
C ASN A 109 -6.12 19.13 -7.38
N LEU A 110 -5.07 19.12 -6.55
CA LEU A 110 -3.97 18.15 -6.71
C LEU A 110 -4.32 16.70 -6.35
N LYS A 111 -5.52 16.45 -5.79
CA LYS A 111 -5.97 15.11 -5.39
C LYS A 111 -7.09 14.53 -6.24
N ASP A 112 -7.50 15.23 -7.30
CA ASP A 112 -8.57 14.74 -8.19
C ASP A 112 -8.24 13.40 -8.82
N LYS A 113 -7.00 13.24 -9.27
CA LYS A 113 -6.56 12.02 -9.97
C LYS A 113 -6.17 10.88 -9.03
N LEU A 114 -6.09 11.16 -7.73
CA LEU A 114 -5.57 10.22 -6.76
C LEU A 114 -6.48 9.01 -6.57
N ILE A 115 -5.92 7.80 -6.64
CA ILE A 115 -6.60 6.58 -6.24
C ILE A 115 -6.06 6.20 -4.86
N SER A 116 -6.89 6.37 -3.83
CA SER A 116 -6.49 6.09 -2.43
C SER A 116 -6.35 4.61 -2.15
N LEU A 117 -5.20 4.22 -1.59
CA LEU A 117 -4.99 2.88 -1.09
C LEU A 117 -5.94 2.51 0.06
N ILE A 118 -6.34 3.50 0.85
CA ILE A 118 -7.26 3.27 1.95
C ILE A 118 -8.67 2.97 1.41
N LYS A 119 -9.12 3.74 0.42
CA LYS A 119 -10.41 3.46 -0.23
C LYS A 119 -10.42 2.14 -0.97
N ILE A 120 -9.30 1.79 -1.59
CA ILE A 120 -9.22 0.53 -2.32
C ILE A 120 -9.35 -0.63 -1.36
N ALA A 121 -8.68 -0.53 -0.22
CA ALA A 121 -8.75 -1.52 0.85
C ALA A 121 -10.18 -1.67 1.38
N ASP A 122 -10.80 -0.52 1.64
CA ASP A 122 -12.17 -0.42 2.13
C ASP A 122 -13.15 -1.17 1.22
N GLN A 123 -13.08 -0.94 -0.08
CA GLN A 123 -13.94 -1.63 -1.06
C GLN A 123 -13.78 -3.14 -1.03
N GLU A 124 -12.53 -3.62 -1.05
CA GLU A 124 -12.27 -5.07 -1.01
C GLU A 124 -12.79 -5.70 0.27
N LEU A 125 -12.69 -4.98 1.39
CA LEU A 125 -13.17 -5.48 2.68
C LEU A 125 -14.70 -5.52 2.74
N GLN A 126 -15.37 -4.57 2.08
CA GLN A 126 -16.82 -4.59 1.97
C GLN A 126 -17.30 -5.90 1.31
N GLU A 127 -16.72 -6.24 0.15
CA GLU A 127 -17.05 -7.49 -0.54
C GLU A 127 -16.67 -8.73 0.24
N TYR A 128 -15.56 -8.67 0.98
CA TYR A 128 -15.10 -9.82 1.72
C TYR A 128 -15.99 -10.06 2.92
N ASN A 129 -16.21 -8.99 3.70
CA ASN A 129 -17.22 -9.00 4.75
C ASN A 129 -16.97 -10.01 5.90
N GLU A 130 -15.69 -10.30 6.21
CA GLU A 130 -15.31 -11.04 7.42
C GLU A 130 -14.31 -10.20 8.20
N PRO A 131 -14.22 -10.37 9.53
CA PRO A 131 -13.18 -9.65 10.28
C PRO A 131 -11.76 -9.93 9.79
N THR A 132 -10.97 -8.86 9.67
CA THR A 132 -9.65 -8.91 9.04
C THR A 132 -8.64 -8.10 9.85
N LEU A 133 -7.42 -8.63 9.94
CA LEU A 133 -6.35 -8.03 10.77
C LEU A 133 -5.52 -6.95 10.06
N LEU A 134 -5.56 -5.73 10.57
CA LEU A 134 -4.80 -4.61 9.98
C LEU A 134 -3.31 -4.68 10.37
N LEU A 135 -2.47 -5.03 9.39
CA LEU A 135 -1.02 -5.01 9.56
C LEU A 135 -0.54 -3.67 9.03
N ALA A 136 0.05 -2.84 9.88
CA ALA A 136 0.56 -1.53 9.43
C ALA A 136 1.63 -1.00 10.35
N SER A 137 2.27 0.08 9.90
CA SER A 137 3.21 0.86 10.72
C SER A 137 2.53 1.53 11.91
N THR A 138 3.29 1.70 12.99
CA THR A 138 2.83 2.48 14.16
C THR A 138 2.31 3.87 13.77
N GLY A 139 2.92 4.50 12.77
CA GLY A 139 2.48 5.82 12.29
C GLY A 139 1.16 5.81 11.56
N THR A 140 0.91 4.71 10.85
CA THR A 140 -0.38 4.46 10.22
C THR A 140 -1.43 4.22 11.30
N TYR A 141 -1.04 3.49 12.35
CA TYR A 141 -1.88 3.29 13.53
C TYR A 141 -2.15 4.56 14.32
N GLN A 142 -1.11 5.33 14.62
CA GLN A 142 -1.25 6.61 15.33
C GLN A 142 -2.14 7.59 14.58
N LYS A 143 -1.99 7.63 13.27
CA LYS A 143 -2.81 8.49 12.45
C LYS A 143 -4.20 7.92 12.17
N LYS A 144 -4.41 6.64 12.48
CA LYS A 144 -5.73 6.00 12.43
C LYS A 144 -6.35 6.14 11.04
N LEU A 145 -5.53 5.90 10.02
CA LEU A 145 -5.94 6.16 8.64
C LEU A 145 -7.07 5.21 8.25
N PHE A 146 -6.90 3.94 8.57
CA PHE A 146 -7.89 2.91 8.27
C PHE A 146 -9.17 3.01 9.09
N GLN A 147 -9.04 3.24 10.39
CA GLN A 147 -10.20 3.36 11.27
C GLN A 147 -11.04 4.61 10.96
N GLU A 148 -10.37 5.73 10.61
CA GLU A 148 -11.06 6.97 10.18
C GLU A 148 -11.48 7.00 8.71
N GLY A 149 -10.85 6.19 7.87
CA GLY A 149 -11.06 6.23 6.42
C GLY A 149 -12.09 5.24 5.90
N CYS A 150 -12.19 4.06 6.52
CA CYS A 150 -13.01 2.96 5.98
C CYS A 150 -14.46 2.88 6.47
N THR A 151 -15.41 2.81 5.53
CA THR A 151 -16.80 2.43 5.84
C THR A 151 -16.91 1.07 6.56
N THR A 152 -15.97 0.18 6.30
CA THR A 152 -15.93 -1.14 6.88
C THR A 152 -15.07 -1.23 8.16
N ALA A 153 -14.91 -0.12 8.88
CA ALA A 153 -14.02 -0.08 10.07
C ALA A 153 -14.34 -1.08 11.18
N ASP A 154 -15.60 -1.47 11.32
CA ASP A 154 -15.98 -2.46 12.35
C ASP A 154 -15.49 -3.87 11.99
N LEU A 155 -15.18 -4.13 10.71
CA LEU A 155 -14.54 -5.38 10.29
C LEU A 155 -13.03 -5.40 10.46
N ILE A 156 -12.44 -4.29 10.87
CA ILE A 156 -11.00 -4.20 11.03
C ILE A 156 -10.65 -4.59 12.47
N ILE A 157 -9.80 -5.60 12.61
CA ILE A 157 -9.22 -5.93 13.89
C ILE A 157 -7.89 -5.19 14.03
N SER A 158 -7.78 -4.36 15.06
CA SER A 158 -6.55 -3.64 15.34
C SER A 158 -5.58 -4.52 16.13
N LEU A 159 -4.31 -4.49 15.74
CA LEU A 159 -3.26 -5.07 16.57
C LEU A 159 -3.16 -4.27 17.86
N SER A 160 -2.88 -4.97 18.97
CA SER A 160 -2.47 -4.33 20.22
C SER A 160 -1.17 -3.57 20.00
N GLU A 161 -0.88 -2.62 20.89
CA GLU A 161 0.36 -1.83 20.80
C GLU A 161 1.63 -2.67 20.73
N SER A 162 1.67 -3.75 21.49
CA SER A 162 2.83 -4.62 21.50
C SER A 162 3.07 -5.29 20.12
N ASP A 163 1.99 -5.74 19.50
CA ASP A 163 2.06 -6.38 18.19
C ASP A 163 2.28 -5.37 17.04
N GLN A 164 1.88 -4.11 17.23
CA GLN A 164 2.21 -3.03 16.31
C GLN A 164 3.71 -2.89 16.15
N LYS A 165 4.42 -2.81 17.27
CA LYS A 165 5.88 -2.72 17.26
C LYS A 165 6.49 -3.92 16.54
N LEU A 166 5.97 -5.12 16.77
CA LEU A 166 6.49 -6.32 16.09
C LEU A 166 6.34 -6.27 14.57
N ILE A 167 5.20 -5.76 14.11
CA ILE A 167 4.95 -5.56 12.67
C ILE A 167 5.87 -4.47 12.09
N HIS A 168 6.03 -3.36 12.81
CA HIS A 168 6.96 -2.30 12.43
C HIS A 168 8.37 -2.85 12.21
N GLU A 169 8.80 -3.78 13.07
CA GLU A 169 10.10 -4.45 12.95
C GLU A 169 10.18 -5.25 11.66
N MET A 170 9.14 -6.03 11.37
CA MET A 170 9.09 -6.81 10.13
C MET A 170 9.20 -5.93 8.89
N ILE A 171 8.52 -4.80 8.90
CA ILE A 171 8.53 -3.92 7.76
C ILE A 171 9.93 -3.38 7.49
N TYR A 172 10.59 -2.86 8.52
CA TYR A 172 11.86 -2.18 8.37
C TYR A 172 13.06 -3.14 8.35
N LYS A 173 13.07 -4.15 9.21
CA LYS A 173 14.21 -5.07 9.30
C LYS A 173 14.23 -6.12 8.21
N VAL A 174 13.07 -6.53 7.72
CA VAL A 174 12.97 -7.64 6.76
C VAL A 174 12.48 -7.21 5.38
N LEU A 175 11.30 -6.63 5.31
CA LEU A 175 10.64 -6.36 4.03
C LEU A 175 11.28 -5.21 3.27
N LYS A 176 11.56 -4.10 3.93
CA LYS A 176 12.21 -2.95 3.25
C LYS A 176 13.65 -3.25 2.80
N ARG A 177 14.32 -4.19 3.47
CA ARG A 177 15.69 -4.56 3.13
C ARG A 177 15.78 -5.58 2.01
N GLY A 178 14.66 -6.05 1.48
CA GLY A 178 14.67 -6.94 0.33
C GLY A 178 14.72 -8.42 0.67
N HIS A 179 14.65 -8.78 1.95
CA HIS A 179 14.76 -10.19 2.34
C HIS A 179 13.51 -10.98 2.01
N ASP A 180 13.65 -12.30 2.01
CA ASP A 180 12.58 -13.20 1.56
C ASP A 180 11.33 -12.98 2.42
N PRO A 181 10.25 -12.41 1.82
CA PRO A 181 9.03 -12.18 2.61
C PRO A 181 8.43 -13.44 3.26
N LEU A 182 8.75 -14.62 2.74
CA LEU A 182 8.31 -15.86 3.39
C LEU A 182 8.93 -16.09 4.76
N SER A 183 10.06 -15.41 5.05
CA SER A 183 10.73 -15.58 6.34
C SER A 183 9.96 -15.04 7.54
N ILE A 184 8.94 -14.21 7.30
CA ILE A 184 8.00 -13.76 8.33
C ILE A 184 6.63 -14.47 8.32
N LEU A 185 6.44 -15.46 7.45
CA LEU A 185 5.13 -16.09 7.29
C LEU A 185 4.65 -16.81 8.55
N ARG A 186 5.57 -17.46 9.26
CA ARG A 186 5.25 -18.14 10.51
C ARG A 186 4.79 -17.14 11.58
N ASP A 187 5.51 -16.03 11.67
CA ASP A 187 5.14 -14.96 12.60
C ASP A 187 3.75 -14.37 12.31
N ILE A 188 3.39 -14.29 11.03
CA ILE A 188 2.10 -13.76 10.58
C ILE A 188 0.98 -14.77 10.82
N GLU A 189 1.23 -16.04 10.55
CA GLU A 189 0.24 -17.07 10.86
C GLU A 189 -0.10 -17.10 12.34
N ALA A 190 0.90 -16.89 13.18
CA ALA A 190 0.70 -16.88 14.63
C ALA A 190 -0.13 -15.67 15.08
N LEU A 191 0.10 -14.52 14.45
CA LEU A 191 -0.74 -13.34 14.65
C LEU A 191 -2.17 -13.59 14.18
N LEU A 192 -2.32 -14.07 12.95
CA LEU A 192 -3.65 -14.39 12.40
C LEU A 192 -4.42 -15.35 13.30
N GLU A 193 -3.74 -16.38 13.81
CA GLU A 193 -4.35 -17.28 14.78
C GLU A 193 -4.70 -16.52 16.05
N LYS A 194 -3.73 -15.83 16.65
CA LYS A 194 -3.95 -15.09 17.89
C LYS A 194 -5.19 -14.20 17.84
N TYR A 195 -5.38 -13.51 16.70
CA TYR A 195 -6.50 -12.58 16.53
C TYR A 195 -7.74 -13.21 15.90
N ASN A 196 -7.68 -14.52 15.66
CA ASN A 196 -8.84 -15.36 15.29
C ASN A 196 -9.44 -14.92 13.93
N THR A 197 -8.62 -15.04 12.89
CA THR A 197 -8.99 -14.56 11.56
C THR A 197 -8.10 -15.21 10.52
N ARG A 198 -8.58 -15.25 9.29
CA ARG A 198 -7.86 -15.87 8.17
C ARG A 198 -7.42 -14.84 7.13
N SER A 199 -7.55 -13.56 7.47
CA SER A 199 -7.27 -12.49 6.53
C SER A 199 -6.52 -11.34 7.15
N TYR A 200 -5.82 -10.61 6.30
CA TYR A 200 -5.17 -9.38 6.71
C TYR A 200 -5.33 -8.29 5.67
N ILE A 201 -5.24 -7.05 6.14
CA ILE A 201 -5.14 -5.88 5.27
C ILE A 201 -3.67 -5.49 5.21
N SER A 202 -3.16 -5.28 3.99
CA SER A 202 -1.85 -4.63 3.81
C SER A 202 -1.97 -3.15 4.18
N GLY A 203 -1.92 -2.87 5.48
CA GLY A 203 -1.91 -1.49 5.97
C GLY A 203 -0.58 -0.80 5.75
N SER A 204 0.47 -1.61 5.63
CA SER A 204 1.75 -1.19 5.08
C SER A 204 1.83 -1.78 3.67
N THR A 205 2.21 -0.95 2.69
CA THR A 205 2.45 -1.41 1.31
C THR A 205 3.48 -2.53 1.24
N GLU A 206 4.47 -2.56 2.13
CA GLU A 206 5.47 -3.62 2.09
C GLU A 206 4.87 -5.02 2.20
N PHE A 207 3.63 -5.15 2.69
CA PHE A 207 2.92 -6.45 2.65
C PHE A 207 2.37 -6.84 1.28
N HIS A 208 2.53 -5.98 0.28
CA HIS A 208 2.43 -6.38 -1.12
C HIS A 208 3.44 -7.50 -1.41
N LEU A 209 4.63 -7.38 -0.83
CA LEU A 209 5.70 -8.35 -1.01
C LEU A 209 5.34 -9.69 -0.41
N LEU A 210 4.70 -9.69 0.76
CA LEU A 210 4.24 -10.96 1.35
C LEU A 210 3.13 -11.52 0.50
N THR A 211 2.22 -10.67 0.06
CA THR A 211 1.05 -11.11 -0.71
C THR A 211 1.47 -11.85 -1.99
N LYS A 212 2.46 -11.30 -2.69
CA LYS A 212 3.03 -11.93 -3.90
C LYS A 212 3.71 -13.25 -3.62
N SER A 213 4.54 -13.31 -2.57
CA SER A 213 5.17 -14.55 -2.15
C SER A 213 4.16 -15.62 -1.74
N LEU A 214 3.01 -15.22 -1.19
CA LEU A 214 1.93 -16.17 -0.87
C LEU A 214 1.26 -16.74 -2.12
N LYS A 215 0.98 -15.87 -3.09
CA LYS A 215 0.31 -16.28 -4.33
C LYS A 215 1.25 -17.13 -5.21
N LEU A 216 2.56 -16.92 -5.06
CA LEU A 216 3.56 -17.72 -5.75
C LEU A 216 3.57 -19.16 -5.24
N LYS A 217 3.76 -19.34 -3.94
CA LYS A 217 3.78 -20.67 -3.33
C LYS A 217 2.41 -21.39 -3.37
N GLY A 218 1.33 -20.70 -3.72
CA GLY A 218 0.00 -21.31 -3.84
C GLY A 218 -0.65 -21.53 -2.48
N ILE A 219 -0.38 -20.62 -1.54
CA ILE A 219 -0.99 -20.66 -0.22
C ILE A 219 -2.24 -19.79 -0.29
N ASP A 220 -3.40 -20.43 -0.27
CA ASP A 220 -4.70 -19.72 -0.30
C ASP A 220 -5.50 -19.89 1.01
N SER A 221 -4.82 -20.28 2.09
CA SER A 221 -5.41 -20.32 3.43
C SER A 221 -5.55 -18.90 4.02
N ILE A 222 -4.71 -17.97 3.57
CA ILE A 222 -4.74 -16.58 3.99
C ILE A 222 -5.35 -15.74 2.87
N LYS A 223 -6.29 -14.87 3.23
CA LYS A 223 -6.91 -13.92 2.30
C LYS A 223 -6.27 -12.54 2.50
N ALA A 224 -5.53 -12.08 1.51
CA ALA A 224 -4.84 -10.80 1.60
C ALA A 224 -5.66 -9.69 0.92
N ILE A 225 -6.11 -8.73 1.72
CA ILE A 225 -6.65 -7.47 1.21
C ILE A 225 -5.49 -6.52 0.95
N ASP A 226 -5.03 -6.49 -0.30
CA ASP A 226 -3.75 -5.90 -0.67
C ASP A 226 -4.03 -4.90 -1.79
N PRO A 227 -4.09 -3.60 -1.47
CA PRO A 227 -4.44 -2.59 -2.46
C PRO A 227 -3.61 -2.57 -3.75
N LEU A 228 -2.30 -2.77 -3.65
CA LEU A 228 -1.44 -2.74 -4.84
C LEU A 228 -1.71 -3.91 -5.79
N SER A 229 -1.91 -5.10 -5.24
CA SER A 229 -2.39 -6.26 -6.03
C SER A 229 -3.70 -5.97 -6.76
N THR A 230 -4.64 -5.38 -6.04
CA THR A 230 -5.93 -5.02 -6.59
C THR A 230 -5.80 -4.00 -7.72
N ILE A 231 -4.97 -2.98 -7.52
CA ILE A 231 -4.75 -1.93 -8.55
C ILE A 231 -4.08 -2.51 -9.81
N ALA A 232 -3.12 -3.40 -9.60
CA ALA A 232 -2.43 -4.06 -10.70
C ALA A 232 -3.41 -4.89 -11.51
N GLN A 233 -4.19 -5.72 -10.83
CA GLN A 233 -5.16 -6.61 -11.48
C GLN A 233 -6.23 -5.85 -12.26
N ASN A 234 -6.68 -4.73 -11.72
CA ASN A 234 -7.80 -4.00 -12.27
C ASN A 234 -7.32 -2.69 -12.91
N PHE A 235 -6.12 -2.72 -13.49
CA PHE A 235 -5.53 -1.54 -14.10
C PHE A 235 -6.43 -0.95 -15.18
N SER A 236 -6.91 -1.80 -16.09
CA SER A 236 -7.66 -1.33 -17.25
C SER A 236 -8.98 -0.66 -16.84
N GLN A 237 -9.68 -1.25 -15.87
CA GLN A 237 -10.90 -0.63 -15.32
C GLN A 237 -10.63 0.65 -14.54
N LEU A 238 -9.62 0.65 -13.67
CA LEU A 238 -9.34 1.79 -12.78
C LEU A 238 -8.68 2.98 -13.46
N ILE A 239 -7.77 2.72 -14.39
CA ILE A 239 -6.95 3.79 -14.98
C ILE A 239 -7.59 4.32 -16.27
N ILE A 240 -8.21 5.51 -16.15
CA ILE A 240 -8.92 6.20 -17.24
C ILE A 240 -8.52 7.69 -17.27
#